data_4O7S
#
_entry.id   4O7S
#
_cell.length_a   43.890
_cell.length_b   154.430
_cell.length_c   78.100
_cell.angle_alpha   90.000
_cell.angle_beta   90.000
_cell.angle_gamma   90.000
#
_symmetry.space_group_name_H-M   'C 2 2 21'
#
loop_
_entity.id
_entity.type
_entity.pdbx_description
1 polymer 'Phosphoribosylaminoimidazole-succinocarboxamide synthase'
2 non-polymer "THYMIDINE-5'-DIPHOSPHATE"
3 non-polymer "THYMIDINE-5'-PHOSPHATE"
4 non-polymer 'PHOSPHATE ION'
5 non-polymer 'ACETATE ION'
6 water water
#
_entity_poly.entity_id   1
_entity_poly.type   'polypeptide(L)'
_entity_poly.pdbx_seq_one_letter_code
;MVKLMEVYEGKAKKMIPIDDDKLIMEFKDDATAFDGTKKARFKGKGWLNAQLSVIFFKLLEEHGIKTHFIGVAGGNRLIV
EKLDMYPLEVVVRNVVAGSLKKRLPLPEGYELPEPIVELYYKNDELHDPMINYYHAKVLGISLDEIKKIEEIALKVNEIL
KDYLAKKGIILVDFKLEFGKDKNGDIVLADEISPDTCRFWDAKTKRSLDKDVFRFDKGDLIEAYKEIYERITGEKPEF
;
_entity_poly.pdbx_strand_id   A
#
# COMPACT_ATOMS: atom_id res chain seq x y z
N MET A 15 -5.80 0.40 -14.64
CA MET A 15 -5.28 -0.74 -15.46
C MET A 15 -5.88 -0.76 -16.87
N ILE A 16 -5.05 -0.44 -17.87
CA ILE A 16 -5.44 -0.47 -19.29
C ILE A 16 -4.22 -0.87 -20.15
N PRO A 17 -4.30 -2.04 -20.82
CA PRO A 17 -3.20 -2.67 -21.57
C PRO A 17 -2.52 -1.81 -22.64
N ILE A 18 -1.22 -2.03 -22.83
CA ILE A 18 -0.44 -1.37 -23.89
C ILE A 18 0.10 -2.41 -24.87
N ASP A 19 0.75 -3.44 -24.35
CA ASP A 19 1.26 -4.56 -25.15
C ASP A 19 1.46 -5.79 -24.27
N ASP A 20 2.47 -6.60 -24.58
CA ASP A 20 2.78 -7.78 -23.76
C ASP A 20 3.55 -7.39 -22.49
N ASP A 21 4.36 -6.35 -22.58
CA ASP A 21 5.31 -6.04 -21.51
C ASP A 21 4.81 -5.02 -20.48
N LYS A 22 3.82 -4.21 -20.86
CA LYS A 22 3.42 -3.09 -20.01
C LYS A 22 1.97 -2.66 -20.12
N LEU A 23 1.50 -1.98 -19.08
CA LEU A 23 0.16 -1.43 -19.06
C LEU A 23 0.14 -0.07 -18.37
N ILE A 24 -1.04 0.55 -18.38
CA ILE A 24 -1.27 1.83 -17.73
C ILE A 24 -2.00 1.55 -16.44
N MET A 25 -1.54 2.14 -15.34
CA MET A 25 -2.31 2.14 -14.10
C MET A 25 -2.81 3.56 -13.91
N GLU A 26 -4.13 3.73 -13.93
CA GLU A 26 -4.71 5.05 -13.70
C GLU A 26 -5.29 5.15 -12.30
N PHE A 27 -4.92 6.21 -11.58
CA PHE A 27 -5.44 6.48 -10.25
C PHE A 27 -6.65 7.41 -10.35
N LYS A 28 -7.79 7.00 -9.78
CA LYS A 28 -9.02 7.77 -9.88
C LYS A 28 -9.34 8.52 -8.59
N ASP A 29 -10.32 9.42 -8.66
CA ASP A 29 -10.73 10.20 -7.51
C ASP A 29 -11.66 9.45 -6.56
N ASP A 30 -12.13 8.29 -7.01
CA ASP A 30 -13.02 7.42 -6.23
C ASP A 30 -12.39 6.84 -4.97
N ALA A 31 -13.18 6.78 -3.90
CA ALA A 31 -12.76 6.14 -2.67
C ALA A 31 -13.86 5.21 -2.23
N THR A 32 -13.44 4.03 -1.76
CA THR A 32 -14.36 3.01 -1.24
CA THR A 32 -14.37 3.03 -1.23
C THR A 32 -13.85 2.48 0.09
N ALA A 33 -14.78 2.03 0.94
CA ALA A 33 -14.43 1.46 2.22
C ALA A 33 -15.52 0.50 2.63
N PHE A 34 -15.21 -0.35 3.61
CA PHE A 34 -16.14 -1.34 4.19
C PHE A 34 -16.76 -2.25 3.13
N ASP A 35 -15.89 -3.00 2.45
CA ASP A 35 -16.29 -3.89 1.36
C ASP A 35 -17.15 -3.19 0.30
N GLY A 36 -16.87 -1.91 0.07
CA GLY A 36 -17.57 -1.15 -0.96
C GLY A 36 -18.89 -0.54 -0.57
N THR A 37 -19.29 -0.68 0.70
CA THR A 37 -20.57 -0.10 1.16
C THR A 37 -20.50 1.41 1.40
N LYS A 38 -19.28 1.94 1.52
CA LYS A 38 -19.06 3.38 1.66
C LYS A 38 -18.30 3.90 0.44
N LYS A 39 -18.88 4.88 -0.25
CA LYS A 39 -18.27 5.45 -1.44
C LYS A 39 -18.33 6.97 -1.41
N ALA A 40 -17.33 7.59 -2.01
CA ALA A 40 -17.27 9.04 -2.19
C ALA A 40 -16.19 9.38 -3.21
N ARG A 41 -16.18 10.61 -3.69
CA ARG A 41 -15.18 11.07 -4.63
C ARG A 41 -14.50 12.30 -4.07
N PHE A 42 -13.19 12.37 -4.26
CA PHE A 42 -12.38 13.45 -3.76
C PHE A 42 -11.53 13.98 -4.88
N LYS A 43 -11.94 15.12 -5.44
CA LYS A 43 -11.22 15.81 -6.51
C LYS A 43 -9.77 15.96 -6.13
N GLY A 44 -8.88 15.39 -6.94
CA GLY A 44 -7.45 15.52 -6.72
C GLY A 44 -6.76 14.32 -6.06
N LYS A 45 -7.54 13.40 -5.50
CA LYS A 45 -6.99 12.20 -4.82
C LYS A 45 -6.20 11.26 -5.73
N GLY A 46 -6.71 11.04 -6.93
CA GLY A 46 -6.03 10.23 -7.94
C GLY A 46 -4.64 10.74 -8.18
N TRP A 47 -4.54 12.05 -8.39
CA TRP A 47 -3.27 12.74 -8.64
C TRP A 47 -2.32 12.61 -7.49
N LEU A 48 -2.80 12.84 -6.27
CA LEU A 48 -1.96 12.70 -5.08
C LEU A 48 -1.46 11.27 -4.91
N ASN A 49 -2.36 10.29 -5.04
CA ASN A 49 -2.00 8.88 -4.90
C ASN A 49 -1.02 8.42 -5.96
N ALA A 50 -1.17 8.94 -7.19
CA ALA A 50 -0.23 8.65 -8.27
C ALA A 50 1.16 9.19 -7.96
N GLN A 51 1.24 10.45 -7.55
CA GLN A 51 2.53 11.08 -7.28
C GLN A 51 3.26 10.40 -6.12
N LEU A 52 2.51 10.12 -5.07
CA LEU A 52 3.05 9.48 -3.89
C LEU A 52 3.53 8.04 -4.17
N SER A 53 2.79 7.29 -4.97
CA SER A 53 3.25 5.96 -5.38
C SER A 53 4.57 6.04 -6.11
N VAL A 54 4.66 7.02 -7.04
CA VAL A 54 5.88 7.27 -7.80
C VAL A 54 7.07 7.51 -6.87
N ILE A 55 6.91 8.42 -5.92
CA ILE A 55 7.94 8.73 -4.95
C ILE A 55 8.35 7.49 -4.14
N PHE A 56 7.36 6.74 -3.66
CA PHE A 56 7.63 5.52 -2.88
C PHE A 56 8.33 4.46 -3.74
N PHE A 57 7.82 4.23 -4.95
CA PHE A 57 8.41 3.24 -5.86
C PHE A 57 9.87 3.56 -6.18
N LYS A 58 10.15 4.84 -6.40
CA LYS A 58 11.52 5.26 -6.73
C LYS A 58 12.44 5.16 -5.54
N LEU A 59 11.93 5.44 -4.34
CA LEU A 59 12.75 5.27 -3.14
C LEU A 59 13.13 3.80 -2.96
N LEU A 60 12.15 2.91 -3.09
CA LEU A 60 12.36 1.46 -2.94
C LEU A 60 13.31 0.90 -4.01
N GLU A 61 13.18 1.37 -5.24
CA GLU A 61 14.07 0.96 -6.33
C GLU A 61 15.54 1.31 -6.00
N GLU A 62 15.78 2.53 -5.54
CA GLU A 62 17.14 2.93 -5.10
C GLU A 62 17.66 2.00 -4.03
N HIS A 63 16.77 1.46 -3.20
CA HIS A 63 17.17 0.51 -2.16
C HIS A 63 17.17 -0.92 -2.61
N GLY A 64 17.09 -1.15 -3.92
CA GLY A 64 17.20 -2.51 -4.48
C GLY A 64 15.93 -3.35 -4.40
N ILE A 65 14.76 -2.73 -4.24
CA ILE A 65 13.45 -3.43 -4.31
C ILE A 65 12.93 -3.44 -5.75
N LYS A 66 12.66 -4.62 -6.31
CA LYS A 66 12.09 -4.70 -7.67
C LYS A 66 10.61 -4.33 -7.63
N THR A 67 10.22 -3.32 -8.41
CA THR A 67 8.83 -2.86 -8.44
C THR A 67 8.37 -2.83 -9.88
N HIS A 68 7.07 -2.69 -10.08
CA HIS A 68 6.57 -2.67 -11.44
C HIS A 68 6.63 -1.29 -12.07
N PHE A 69 7.10 -0.29 -11.32
CA PHE A 69 7.12 1.08 -11.85
C PHE A 69 8.02 1.16 -13.07
N ILE A 70 7.50 1.66 -14.20
CA ILE A 70 8.32 1.93 -15.39
C ILE A 70 8.43 3.45 -15.64
N GLY A 71 7.29 4.14 -15.71
CA GLY A 71 7.30 5.60 -15.84
C GLY A 71 5.97 6.28 -15.59
N VAL A 72 5.97 7.60 -15.74
CA VAL A 72 4.75 8.41 -15.60
C VAL A 72 4.13 8.66 -16.96
N ALA A 73 2.81 8.50 -17.06
CA ALA A 73 2.12 8.70 -18.34
C ALA A 73 1.26 9.95 -18.25
N GLY A 74 1.78 10.95 -17.51
CA GLY A 74 1.09 12.21 -17.30
C GLY A 74 -0.10 12.12 -16.37
N GLY A 75 -0.16 13.05 -15.41
CA GLY A 75 -1.29 13.20 -14.48
C GLY A 75 -1.46 12.08 -13.47
N ASN A 76 -2.52 11.30 -13.66
CA ASN A 76 -2.89 10.23 -12.73
C ASN A 76 -2.55 8.84 -13.28
N ARG A 77 -1.65 8.78 -14.25
CA ARG A 77 -1.37 7.53 -14.98
C ARG A 77 0.09 7.11 -14.89
N LEU A 78 0.31 5.85 -14.52
CA LEU A 78 1.68 5.32 -14.51
C LEU A 78 1.80 4.21 -15.52
N ILE A 79 2.98 4.11 -16.12
CA ILE A 79 3.32 2.97 -16.95
C ILE A 79 3.94 1.97 -16.02
N VAL A 80 3.37 0.78 -15.99
CA VAL A 80 3.85 -0.27 -15.12
C VAL A 80 4.04 -1.58 -15.88
N GLU A 81 4.92 -2.41 -15.36
CA GLU A 81 5.24 -3.69 -15.96
C GLU A 81 4.08 -4.66 -15.78
N LYS A 82 3.78 -5.45 -16.81
CA LYS A 82 2.81 -6.52 -16.69
C LYS A 82 3.40 -7.69 -15.88
N LEU A 83 2.57 -8.33 -15.07
CA LEU A 83 3.02 -9.37 -14.14
C LEU A 83 1.96 -10.44 -14.03
N ASP A 84 2.38 -11.67 -13.74
CA ASP A 84 1.47 -12.68 -13.26
CA ASP A 84 1.45 -12.68 -13.26
C ASP A 84 1.22 -12.37 -11.78
N MET A 85 0.06 -11.80 -11.47
CA MET A 85 -0.24 -11.31 -10.14
C MET A 85 -0.56 -12.43 -9.17
N TYR A 86 0.07 -12.41 -8.00
CA TYR A 86 -0.35 -13.32 -6.91
C TYR A 86 -1.67 -12.80 -6.37
N PRO A 87 -2.60 -13.72 -6.02
CA PRO A 87 -3.89 -13.24 -5.49
C PRO A 87 -3.79 -13.00 -3.97
N LEU A 88 -2.90 -12.08 -3.59
CA LEU A 88 -2.63 -11.78 -2.19
C LEU A 88 -2.67 -10.29 -1.93
N GLU A 89 -3.07 -9.95 -0.72
CA GLU A 89 -2.77 -8.65 -0.15
C GLU A 89 -1.89 -8.96 1.05
N VAL A 90 -0.71 -8.34 1.08
CA VAL A 90 0.30 -8.59 2.09
C VAL A 90 0.38 -7.39 3.03
N VAL A 91 -0.01 -7.60 4.28
CA VAL A 91 -0.13 -6.48 5.22
C VAL A 91 1.00 -6.53 6.27
N VAL A 92 1.73 -5.43 6.40
CA VAL A 92 2.78 -5.29 7.42
C VAL A 92 2.30 -4.28 8.48
N ARG A 93 2.44 -4.63 9.75
CA ARG A 93 1.91 -3.82 10.85
CA ARG A 93 1.91 -3.82 10.85
C ARG A 93 2.99 -3.54 11.91
N ASN A 94 3.18 -2.24 12.22
CA ASN A 94 4.15 -1.81 13.26
C ASN A 94 3.46 -1.36 14.55
N VAL A 95 2.26 -0.78 14.37
CA VAL A 95 1.47 -0.23 15.45
C VAL A 95 0.05 -0.80 15.30
N VAL A 96 -0.57 -1.19 16.42
CA VAL A 96 -1.92 -1.78 16.42
C VAL A 96 -2.95 -0.76 15.93
N ALA A 97 -3.71 -1.16 14.91
CA ALA A 97 -4.78 -0.34 14.35
C ALA A 97 -5.66 -1.25 13.48
N GLY A 98 -6.81 -0.72 13.09
CA GLY A 98 -7.77 -1.47 12.25
C GLY A 98 -8.14 -2.85 12.74
N SER A 99 -8.13 -3.81 11.82
CA SER A 99 -8.61 -5.17 12.11
C SER A 99 -7.72 -5.96 13.08
N LEU A 100 -6.47 -5.53 13.26
CA LEU A 100 -5.60 -6.19 14.25
C LEU A 100 -6.18 -6.14 15.68
N LYS A 101 -6.97 -5.12 15.96
CA LYS A 101 -7.66 -4.98 17.24
C LYS A 101 -8.66 -6.11 17.49
N LYS A 102 -9.14 -6.76 16.44
CA LYS A 102 -10.07 -7.89 16.56
C LYS A 102 -9.36 -9.23 16.57
N ARG A 103 -8.03 -9.20 16.46
CA ARG A 103 -7.28 -10.43 16.41
C ARG A 103 -6.41 -10.59 17.65
N LEU A 104 -5.93 -9.45 18.17
CA LEU A 104 -5.13 -9.38 19.41
C LEU A 104 -5.74 -8.35 20.39
N PRO A 105 -5.85 -8.70 21.69
CA PRO A 105 -6.54 -7.85 22.65
C PRO A 105 -5.62 -6.68 23.04
N LEU A 106 -5.28 -5.87 22.06
CA LEU A 106 -4.30 -4.83 22.26
C LEU A 106 -4.94 -3.56 21.78
N PRO A 107 -4.61 -2.42 22.44
CA PRO A 107 -5.31 -1.18 22.06
C PRO A 107 -4.68 -0.52 20.84
N GLU A 108 -5.49 0.27 20.14
CA GLU A 108 -5.05 1.18 19.09
C GLU A 108 -3.84 1.97 19.58
N GLY A 109 -2.75 1.98 18.81
CA GLY A 109 -1.56 2.71 19.22
C GLY A 109 -0.50 1.84 19.90
N TYR A 110 -0.88 0.63 20.29
CA TYR A 110 0.09 -0.28 20.87
C TYR A 110 1.24 -0.50 19.89
N GLU A 111 2.46 -0.28 20.37
CA GLU A 111 3.66 -0.44 19.59
C GLU A 111 4.08 -1.92 19.58
N LEU A 112 4.11 -2.54 18.41
CA LEU A 112 4.44 -3.97 18.35
C LEU A 112 5.91 -4.21 18.64
N PRO A 113 6.24 -5.33 19.34
CA PRO A 113 7.65 -5.61 19.67
C PRO A 113 8.48 -5.90 18.40
N GLU A 114 7.82 -6.44 17.37
CA GLU A 114 8.41 -6.59 16.05
C GLU A 114 7.28 -6.57 15.00
N PRO A 115 7.61 -6.31 13.73
CA PRO A 115 6.53 -6.20 12.74
C PRO A 115 5.71 -7.49 12.57
N ILE A 116 4.41 -7.33 12.31
CA ILE A 116 3.52 -8.44 11.95
C ILE A 116 3.27 -8.42 10.44
N VAL A 117 3.37 -9.58 9.79
CA VAL A 117 3.00 -9.70 8.37
C VAL A 117 1.76 -10.60 8.33
N GLU A 118 0.73 -10.14 7.62
CA GLU A 118 -0.49 -10.94 7.42
C GLU A 118 -0.75 -11.09 5.93
N LEU A 119 -1.17 -12.29 5.55
CA LEU A 119 -1.53 -12.57 4.17
C LEU A 119 -3.04 -12.64 4.06
N TYR A 120 -3.59 -11.94 3.09
CA TYR A 120 -5.02 -12.00 2.77
C TYR A 120 -5.17 -12.53 1.35
N TYR A 121 -6.10 -13.45 1.19
CA TYR A 121 -6.46 -13.98 -0.11
C TYR A 121 -7.40 -12.99 -0.82
N LYS A 122 -6.97 -12.47 -1.97
CA LYS A 122 -7.79 -11.54 -2.78
C LYS A 122 -8.90 -12.31 -3.45
N ASN A 123 -10.10 -12.21 -2.88
CA ASN A 123 -11.25 -12.94 -3.37
C ASN A 123 -12.50 -12.24 -2.85
N ASP A 124 -13.23 -11.62 -3.76
CA ASP A 124 -14.38 -10.78 -3.40
C ASP A 124 -15.52 -11.59 -2.85
N GLU A 125 -15.73 -12.79 -3.43
CA GLU A 125 -16.76 -13.70 -2.93
C GLU A 125 -16.55 -14.07 -1.45
N LEU A 126 -15.30 -14.19 -1.02
CA LEU A 126 -15.00 -14.60 0.36
C LEU A 126 -14.65 -13.40 1.26
N HIS A 127 -14.69 -12.21 0.66
CA HIS A 127 -14.31 -10.93 1.30
C HIS A 127 -12.90 -10.89 1.83
N ASP A 128 -11.95 -11.33 1.02
CA ASP A 128 -10.52 -11.18 1.33
C ASP A 128 -10.12 -11.76 2.70
N PRO A 129 -10.38 -13.08 2.92
CA PRO A 129 -10.08 -13.65 4.23
C PRO A 129 -8.57 -13.74 4.47
N MET A 130 -8.16 -13.64 5.73
CA MET A 130 -6.80 -13.95 6.09
C MET A 130 -6.46 -15.40 5.79
N ILE A 131 -5.24 -15.64 5.36
CA ILE A 131 -4.76 -16.99 5.18
C ILE A 131 -3.39 -17.17 5.79
N ASN A 132 -2.92 -18.41 5.80
CA ASN A 132 -1.53 -18.68 6.15
C ASN A 132 -0.79 -19.36 4.98
N TYR A 133 0.46 -19.75 5.22
CA TYR A 133 1.31 -20.43 4.24
C TYR A 133 0.69 -21.69 3.66
N TYR A 134 -0.06 -22.42 4.48
CA TYR A 134 -0.66 -23.68 4.01
C TYR A 134 -1.80 -23.41 3.03
N HIS A 135 -2.67 -22.43 3.34
CA HIS A 135 -3.71 -22.05 2.40
C HIS A 135 -3.07 -21.57 1.13
N ALA A 136 -2.00 -20.77 1.26
CA ALA A 136 -1.27 -20.24 0.09
C ALA A 136 -0.79 -21.38 -0.83
N LYS A 137 -0.25 -22.42 -0.22
CA LYS A 137 0.24 -23.57 -0.96
C LYS A 137 -0.90 -24.21 -1.77
N VAL A 138 -2.08 -24.35 -1.15
CA VAL A 138 -3.23 -24.93 -1.84
C VAL A 138 -3.68 -24.01 -2.99
N LEU A 139 -3.48 -22.70 -2.81
CA LEU A 139 -3.72 -21.74 -3.89
C LEU A 139 -2.63 -21.74 -4.95
N GLY A 140 -1.58 -22.54 -4.77
CA GLY A 140 -0.52 -22.67 -5.78
C GLY A 140 0.71 -21.80 -5.55
N ILE A 141 0.84 -21.25 -4.34
CA ILE A 141 1.99 -20.42 -3.99
C ILE A 141 2.89 -21.22 -3.04
N SER A 142 4.11 -21.51 -3.51
CA SER A 142 5.03 -22.36 -2.75
C SER A 142 5.53 -21.64 -1.52
N LEU A 143 6.00 -22.41 -0.56
CA LEU A 143 6.59 -21.86 0.66
C LEU A 143 7.76 -20.90 0.35
N ASP A 144 8.61 -21.29 -0.58
CA ASP A 144 9.73 -20.47 -1.02
C ASP A 144 9.26 -19.09 -1.53
N GLU A 145 8.28 -19.08 -2.42
CA GLU A 145 7.64 -17.82 -2.85
C GLU A 145 7.10 -16.97 -1.68
N ILE A 146 6.33 -17.58 -0.78
CA ILE A 146 5.76 -16.88 0.37
C ILE A 146 6.86 -16.22 1.20
N LYS A 147 7.89 -16.99 1.54
CA LYS A 147 9.06 -16.49 2.25
C LYS A 147 9.80 -15.33 1.58
N LYS A 148 10.00 -15.41 0.26
CA LYS A 148 10.56 -14.28 -0.51
C LYS A 148 9.62 -13.06 -0.47
N ILE A 149 8.33 -13.28 -0.67
CA ILE A 149 7.33 -12.20 -0.54
C ILE A 149 7.39 -11.49 0.85
N GLU A 150 7.42 -12.27 1.92
CA GLU A 150 7.47 -11.65 3.27
C GLU A 150 8.78 -10.93 3.56
N GLU A 151 9.88 -11.49 3.06
CA GLU A 151 11.20 -10.87 3.15
C GLU A 151 11.21 -9.52 2.45
N ILE A 152 10.69 -9.44 1.23
CA ILE A 152 10.55 -8.15 0.55
C ILE A 152 9.69 -7.17 1.36
N ALA A 153 8.51 -7.62 1.81
CA ALA A 153 7.58 -6.79 2.58
C ALA A 153 8.25 -6.20 3.82
N LEU A 154 9.01 -7.03 4.54
CA LEU A 154 9.70 -6.59 5.73
C LEU A 154 10.82 -5.59 5.41
N LYS A 155 11.47 -5.78 4.26
CA LYS A 155 12.50 -4.84 3.81
C LYS A 155 11.85 -3.51 3.41
N VAL A 156 10.76 -3.58 2.65
CA VAL A 156 9.97 -2.39 2.29
C VAL A 156 9.56 -1.62 3.55
N ASN A 157 9.07 -2.34 4.55
CA ASN A 157 8.73 -1.74 5.85
C ASN A 157 9.85 -0.91 6.48
N GLU A 158 11.06 -1.48 6.58
CA GLU A 158 12.21 -0.78 7.15
C GLU A 158 12.54 0.51 6.39
N ILE A 159 12.70 0.41 5.07
CA ILE A 159 12.96 1.56 4.22
C ILE A 159 11.89 2.67 4.34
N LEU A 160 10.61 2.29 4.21
CA LEU A 160 9.52 3.28 4.35
C LEU A 160 9.39 3.87 5.77
N LYS A 161 9.43 3.00 6.77
CA LYS A 161 9.34 3.45 8.16
C LYS A 161 10.44 4.47 8.51
N ASP A 162 11.67 4.20 8.08
CA ASP A 162 12.81 5.10 8.35
C ASP A 162 12.67 6.40 7.63
N TYR A 163 12.42 6.31 6.32
CA TYR A 163 12.26 7.48 5.49
C TYR A 163 11.16 8.40 6.01
N LEU A 164 10.06 7.82 6.48
CA LEU A 164 8.92 8.63 6.95
C LEU A 164 9.13 9.16 8.37
N ALA A 165 9.77 8.38 9.24
CA ALA A 165 10.09 8.86 10.59
C ALA A 165 11.00 10.10 10.55
N LYS A 166 11.91 10.14 9.58
CA LYS A 166 12.76 11.32 9.35
C LYS A 166 11.94 12.51 8.82
N LYS A 167 10.63 12.32 8.68
CA LYS A 167 9.74 13.40 8.24
C LYS A 167 8.56 13.59 9.16
N GLY A 168 8.66 13.04 10.37
CA GLY A 168 7.62 13.21 11.40
C GLY A 168 6.36 12.41 11.13
N ILE A 169 6.50 11.30 10.42
CA ILE A 169 5.37 10.43 10.07
C ILE A 169 5.61 9.00 10.56
N ILE A 170 4.68 8.49 11.37
CA ILE A 170 4.72 7.11 11.82
C ILE A 170 4.01 6.21 10.82
N LEU A 171 4.75 5.24 10.28
CA LEU A 171 4.15 4.21 9.43
C LEU A 171 3.51 3.16 10.33
N VAL A 172 2.19 3.21 10.43
CA VAL A 172 1.45 2.36 11.37
C VAL A 172 1.31 0.93 10.80
N ASP A 173 0.86 0.85 9.55
CA ASP A 173 0.74 -0.41 8.81
C ASP A 173 0.58 -0.05 7.34
N PHE A 174 0.62 -1.05 6.46
CA PHE A 174 0.38 -0.83 5.03
C PHE A 174 0.14 -2.16 4.32
N LYS A 175 -0.38 -2.09 3.10
CA LYS A 175 -0.63 -3.28 2.32
C LYS A 175 0.15 -3.23 1.01
N LEU A 176 0.70 -4.36 0.64
CA LEU A 176 1.36 -4.53 -0.64
C LEU A 176 0.74 -5.65 -1.47
N GLU A 177 0.97 -5.56 -2.78
CA GLU A 177 0.63 -6.63 -3.70
C GLU A 177 1.86 -6.90 -4.57
N PHE A 178 1.91 -8.11 -5.13
CA PHE A 178 3.09 -8.62 -5.79
C PHE A 178 2.68 -9.43 -7.00
N GLY A 179 3.59 -9.57 -7.95
CA GLY A 179 3.39 -10.47 -9.07
C GLY A 179 4.72 -11.03 -9.53
N LYS A 180 4.66 -11.98 -10.45
CA LYS A 180 5.86 -12.59 -11.00
C LYS A 180 6.13 -12.04 -12.41
N ASP A 181 7.39 -11.66 -12.68
CA ASP A 181 7.80 -11.21 -14.02
C ASP A 181 8.23 -12.40 -14.88
N LYS A 182 8.63 -12.14 -16.13
CA LYS A 182 8.90 -13.23 -17.08
C LYS A 182 10.12 -14.06 -16.69
N ASN A 183 11.00 -13.50 -15.86
CA ASN A 183 12.15 -14.21 -15.28
C ASN A 183 11.81 -15.01 -14.02
N GLY A 184 10.54 -15.01 -13.63
CA GLY A 184 10.11 -15.65 -12.40
C GLY A 184 10.52 -14.93 -11.13
N ASP A 185 10.93 -13.66 -11.25
CA ASP A 185 11.27 -12.84 -10.09
C ASP A 185 10.00 -12.25 -9.48
N ILE A 186 10.04 -12.03 -8.17
CA ILE A 186 8.90 -11.47 -7.44
C ILE A 186 8.99 -9.93 -7.41
N VAL A 187 7.98 -9.28 -7.99
CA VAL A 187 8.01 -7.85 -8.24
C VAL A 187 6.87 -7.15 -7.46
N LEU A 188 7.20 -6.09 -6.73
CA LEU A 188 6.21 -5.30 -6.02
C LEU A 188 5.26 -4.59 -6.99
N ALA A 189 3.95 -4.71 -6.77
CA ALA A 189 2.98 -4.20 -7.73
C ALA A 189 2.01 -3.18 -7.12
N ASP A 190 0.80 -3.11 -7.67
CA ASP A 190 -0.23 -2.17 -7.21
C ASP A 190 0.34 -0.76 -6.93
N GLU A 191 0.02 -0.21 -5.75
CA GLU A 191 0.30 1.18 -5.40
C GLU A 191 0.82 1.25 -3.96
N ILE A 192 1.44 2.39 -3.62
CA ILE A 192 1.78 2.72 -2.24
C ILE A 192 1.37 4.16 -2.01
N SER A 193 0.34 4.36 -1.19
CA SER A 193 -0.25 5.67 -1.05
C SER A 193 -1.01 5.76 0.28
N PRO A 194 -1.53 6.96 0.62
CA PRO A 194 -2.35 7.10 1.83
C PRO A 194 -3.64 6.27 1.79
N ASP A 195 -4.01 5.74 0.61
CA ASP A 195 -5.08 4.72 0.50
C ASP A 195 -4.68 3.37 1.08
N THR A 196 -3.39 3.01 0.95
CA THR A 196 -2.99 1.64 1.27
C THR A 196 -2.02 1.55 2.45
N CYS A 197 -1.87 2.67 3.17
CA CYS A 197 -0.99 2.80 4.34
C CYS A 197 -1.69 3.58 5.44
N ARG A 198 -1.31 3.32 6.68
CA ARG A 198 -1.67 4.20 7.79
C ARG A 198 -0.46 5.05 8.12
N PHE A 199 -0.67 6.36 8.08
CA PHE A 199 0.35 7.37 8.35
C PHE A 199 -0.15 8.23 9.51
N TRP A 200 0.59 8.25 10.61
CA TRP A 200 0.25 9.10 11.76
C TRP A 200 1.26 10.18 11.94
N ASP A 201 0.80 11.40 12.21
CA ASP A 201 1.72 12.46 12.60
C ASP A 201 2.42 12.03 13.89
N ALA A 202 3.75 12.11 13.90
CA ALA A 202 4.52 11.66 15.08
C ALA A 202 4.26 12.56 16.29
N LYS A 203 4.11 13.85 16.04
CA LYS A 203 3.84 14.81 17.11
C LYS A 203 2.47 14.60 17.77
N THR A 204 1.42 14.41 16.95
CA THR A 204 0.04 14.39 17.46
C THR A 204 -0.68 13.05 17.40
N LYS A 205 -0.16 12.09 16.64
CA LYS A 205 -0.81 10.77 16.49
C LYS A 205 -2.04 10.81 15.56
N ARG A 206 -2.30 11.93 14.89
CA ARG A 206 -3.47 12.04 14.01
C ARG A 206 -3.25 11.32 12.67
N SER A 207 -4.35 10.78 12.14
CA SER A 207 -4.33 10.05 10.86
C SER A 207 -4.12 11.01 9.69
N LEU A 208 -3.16 10.68 8.84
CA LEU A 208 -2.98 11.36 7.56
C LEU A 208 -3.11 10.34 6.40
N ASP A 209 -4.27 9.68 6.34
CA ASP A 209 -4.47 8.57 5.43
C ASP A 209 -5.98 8.34 5.22
N LYS A 210 -6.30 7.24 4.55
CA LYS A 210 -7.68 6.87 4.23
C LYS A 210 -8.60 6.69 5.46
N ASP A 211 -8.01 6.57 6.65
CA ASP A 211 -8.82 6.51 7.89
C ASP A 211 -9.64 7.80 8.09
N VAL A 212 -9.12 8.92 7.61
CA VAL A 212 -9.88 10.18 7.60
C VAL A 212 -11.25 9.99 6.94
N PHE A 213 -11.27 9.36 5.76
CA PHE A 213 -12.52 8.99 5.08
C PHE A 213 -13.25 7.85 5.77
N ARG A 214 -12.54 6.77 6.13
CA ARG A 214 -13.18 5.59 6.75
C ARG A 214 -14.01 5.95 7.99
N PHE A 215 -13.44 6.76 8.89
CA PHE A 215 -14.07 7.07 10.17
C PHE A 215 -14.42 8.54 10.35
N ASP A 216 -14.53 9.27 9.24
CA ASP A 216 -14.94 10.68 9.23
C ASP A 216 -14.15 11.53 10.21
N LYS A 217 -12.83 11.55 10.03
CA LYS A 217 -11.94 12.22 10.97
C LYS A 217 -11.54 13.61 10.49
N GLY A 218 -12.27 14.14 9.52
CA GLY A 218 -11.95 15.43 8.94
C GLY A 218 -11.89 15.39 7.42
N ASP A 219 -10.92 16.09 6.86
CA ASP A 219 -10.87 16.34 5.42
C ASP A 219 -9.80 15.51 4.72
N LEU A 220 -10.26 14.59 3.88
CA LEU A 220 -9.34 13.64 3.24
C LEU A 220 -8.28 14.33 2.38
N ILE A 221 -8.73 15.26 1.55
CA ILE A 221 -7.85 15.97 0.63
C ILE A 221 -6.79 16.76 1.40
N GLU A 222 -7.20 17.48 2.44
CA GLU A 222 -6.23 18.17 3.31
C GLU A 222 -5.19 17.20 3.89
N ALA A 223 -5.65 16.05 4.36
CA ALA A 223 -4.75 15.06 4.97
C ALA A 223 -3.73 14.54 3.97
N TYR A 224 -4.19 14.22 2.75
CA TYR A 224 -3.30 13.70 1.70
C TYR A 224 -2.33 14.79 1.21
N LYS A 225 -2.81 16.04 1.14
CA LYS A 225 -1.96 17.19 0.80
C LYS A 225 -0.85 17.34 1.85
N GLU A 226 -1.24 17.26 3.12
CA GLU A 226 -0.35 17.24 4.28
C GLU A 226 0.83 16.30 4.10
N ILE A 227 0.53 15.02 3.85
CA ILE A 227 1.52 13.99 3.52
C ILE A 227 2.40 14.42 2.34
N TYR A 228 1.76 14.84 1.26
CA TYR A 228 2.48 15.24 0.06
C TYR A 228 3.45 16.40 0.33
N GLU A 229 2.96 17.40 1.06
CA GLU A 229 3.79 18.57 1.40
C GLU A 229 4.92 18.18 2.33
N ARG A 230 4.60 17.36 3.33
CA ARG A 230 5.57 16.92 4.31
C ARG A 230 6.64 15.98 3.75
N ILE A 231 6.32 15.32 2.63
CA ILE A 231 7.26 14.40 1.99
C ILE A 231 8.12 15.10 0.96
N THR A 232 7.49 15.90 0.09
CA THR A 232 8.22 16.53 -1.02
C THR A 232 8.87 17.85 -0.65
N GLY A 233 8.34 18.51 0.38
CA GLY A 233 8.78 19.86 0.76
C GLY A 233 8.15 20.93 -0.10
N GLU A 234 7.14 20.57 -0.88
CA GLU A 234 6.46 21.49 -1.79
C GLU A 234 4.92 21.32 -1.76
N LYS A 235 4.20 22.40 -2.04
CA LYS A 235 2.73 22.39 -2.14
C LYS A 235 2.30 21.78 -3.48
N PRO A 236 1.27 20.90 -3.46
CA PRO A 236 0.80 20.16 -4.65
C PRO A 236 0.24 21.05 -5.76
N GLU A 237 0.81 20.89 -6.96
CA GLU A 237 0.46 21.74 -8.11
C GLU A 237 -0.83 21.31 -8.83
N PHE A 238 -1.08 20.00 -8.89
CA PHE A 238 -2.20 19.40 -9.62
C PHE A 238 -2.10 19.67 -11.13
#